data_5EMY
#
_entry.id   5EMY
#
_cell.length_a   52.330
_cell.length_b   68.180
_cell.length_c   130.380
_cell.angle_alpha   90.00
_cell.angle_beta   90.00
_cell.angle_gamma   90.00
#
_symmetry.space_group_name_H-M   'P 21 21 21'
#
loop_
_entity.id
_entity.type
_entity.pdbx_description
1 polymer 'Pancreatic alpha-amylase'
2 non-polymer '(1R,2R,3S,5R,6S)-2,3,5-trihydroxy-6-(hydroxymethyl)cyclohexyl alpha-D-glucopyranoside'
3 non-polymer 'CHLORIDE ION'
4 non-polymer 'CALCIUM ION'
5 water water
#
_entity_poly.entity_id   1
_entity_poly.type   'polypeptide(L)'
_entity_poly.pdbx_seq_one_letter_code
;(PCA)YSPNTQQGRTSIVHLFEWRWVDIALECERYLAPKGFGGVQVSPPNENVAIYNPFRPWWERYQPVSYKLCTRSGNE
DEFRNMVTRCNNVGVRIYVDAVINHMCGNAVSAGTSSTCGSYFNPGSRDFPAVPYSGWDFNDGKCKTGSGDIENYNDATQ
VRDCRLTGLLDLALEKDYVRSKIAEYMNHLIDIGVAGFRLDASKHMWPGDIKAILDKLHNLNSNWFPAGSKPFIYQEVID
LGGEPIKSSDYFGNGRVTEFKYGAKLGTVIRKWNGEKMSYLKNWGEGWGFVPSDRALVFVDNHDNQRGHGAGGASILTFW
DARLYKMAVGFMLAHPYGFTRVMSSYRWPRQFQNGNDVNDWVGPPNNNGVIKEVTINPDTTCGNDWVCEHRWRQIRNMVI
FRNVVDGQPFTNWYDNGSNQVAFGRGNRGFIVFNNDDWSFSLTLQTGLPAGTYCDVISGDKINGNCTGIKIYVSDDGKAH
FSISNSAEDPFIAIHAESKL
;
_entity_poly.pdbx_strand_id   A
#
# COMPACT_ATOMS: atom_id res chain seq x y z
N TYR A 2 -14.07 4.93 -6.94
CA TYR A 2 -13.90 3.59 -6.40
C TYR A 2 -13.10 2.64 -7.28
N SER A 3 -13.05 2.95 -8.57
CA SER A 3 -12.35 2.13 -9.55
C SER A 3 -10.89 2.55 -9.62
N PRO A 4 -9.95 1.60 -9.67
CA PRO A 4 -8.52 1.99 -9.68
C PRO A 4 -8.03 2.61 -10.97
N ASN A 5 -8.74 2.46 -12.08
CA ASN A 5 -8.29 2.99 -13.37
C ASN A 5 -7.03 2.31 -13.88
N THR A 6 -6.76 1.09 -13.40
CA THR A 6 -5.74 0.28 -14.03
C THR A 6 -6.23 -0.25 -15.37
N GLN A 7 -5.28 -0.71 -16.18
CA GLN A 7 -5.65 -1.44 -17.37
C GLN A 7 -6.42 -2.69 -16.99
N GLN A 8 -7.40 -3.04 -17.82
CA GLN A 8 -8.11 -4.30 -17.66
C GLN A 8 -7.11 -5.43 -17.51
N GLY A 9 -7.31 -6.27 -16.51
CA GLY A 9 -6.46 -7.41 -16.31
C GLY A 9 -5.25 -7.14 -15.45
N ARG A 10 -5.11 -5.92 -14.93
CA ARG A 10 -4.09 -5.62 -13.92
C ARG A 10 -4.76 -5.23 -12.61
N THR A 11 -4.44 -5.96 -11.56
CA THR A 11 -5.26 -5.97 -10.35
C THR A 11 -4.57 -5.56 -9.05
N SER A 12 -3.31 -5.11 -9.10
CA SER A 12 -2.64 -4.68 -7.87
C SER A 12 -1.88 -3.39 -8.10
N ILE A 13 -1.62 -2.68 -7.00
CA ILE A 13 -0.62 -1.61 -7.00
C ILE A 13 0.51 -1.98 -6.07
N VAL A 14 1.68 -1.39 -6.31
CA VAL A 14 2.85 -1.58 -5.46
C VAL A 14 3.26 -0.23 -4.88
N HIS A 15 3.58 -0.22 -3.59
CA HIS A 15 4.12 0.97 -2.95
C HIS A 15 5.63 0.97 -3.11
N LEU A 16 6.14 1.81 -4.01
CA LEU A 16 7.60 1.95 -4.19
C LEU A 16 8.07 3.04 -3.23
N PHE A 17 8.12 2.65 -1.95
CA PHE A 17 8.31 3.57 -0.83
C PHE A 17 9.69 4.23 -0.89
N GLU A 18 9.70 5.55 -0.97
CA GLU A 18 10.89 6.40 -1.02
C GLU A 18 11.71 6.25 -2.30
N TRP A 19 11.20 5.56 -3.32
CA TRP A 19 11.92 5.50 -4.58
C TRP A 19 11.95 6.87 -5.26
N ARG A 20 13.04 7.10 -5.99
CA ARG A 20 13.19 8.26 -6.84
C ARG A 20 12.38 8.10 -8.13
N TRP A 21 11.96 9.24 -8.70
CA TRP A 21 11.10 9.20 -9.89
C TRP A 21 11.78 8.49 -11.06
N VAL A 22 13.07 8.76 -11.29
CA VAL A 22 13.75 8.13 -12.43
C VAL A 22 13.78 6.62 -12.27
N ASP A 23 13.97 6.13 -11.04
CA ASP A 23 13.98 4.69 -10.81
C ASP A 23 12.59 4.09 -11.02
N ILE A 24 11.52 4.80 -10.61
CA ILE A 24 10.17 4.29 -10.85
C ILE A 24 9.89 4.24 -12.35
N ALA A 25 10.30 5.28 -13.09
CA ALA A 25 10.09 5.28 -14.53
C ALA A 25 10.73 4.05 -15.17
N LEU A 26 11.99 3.79 -14.82
CA LEU A 26 12.67 2.60 -15.35
C LEU A 26 11.98 1.33 -14.91
N GLU A 27 11.56 1.26 -13.65
CA GLU A 27 10.87 0.08 -13.14
C GLU A 27 9.56 -0.18 -13.88
N CYS A 28 8.81 0.88 -14.20
CA CYS A 28 7.61 0.71 -15.03
C CYS A 28 7.93 -0.01 -16.32
N GLU A 29 9.00 0.43 -16.99
CA GLU A 29 9.33 -0.06 -18.33
C GLU A 29 9.95 -1.45 -18.28
N ARG A 30 10.86 -1.71 -17.34
CA ARG A 30 11.63 -2.95 -17.35
C ARG A 30 10.97 -4.09 -16.58
N TYR A 31 10.01 -3.81 -15.71
CA TYR A 31 9.46 -4.84 -14.82
C TYR A 31 7.96 -4.73 -14.63
N LEU A 32 7.45 -3.58 -14.19
CA LEU A 32 6.05 -3.52 -13.80
C LEU A 32 5.12 -3.78 -14.97
N ALA A 33 5.44 -3.21 -16.13
CA ALA A 33 4.61 -3.47 -17.31
C ALA A 33 4.68 -4.93 -17.74
N PRO A 34 5.85 -5.53 -17.99
CA PRO A 34 5.86 -6.92 -18.44
C PRO A 34 5.32 -7.91 -17.42
N LYS A 35 5.40 -7.61 -16.13
CA LYS A 35 4.93 -8.52 -15.10
C LYS A 35 3.51 -8.24 -14.64
N GLY A 36 2.80 -7.32 -15.30
CA GLY A 36 1.38 -7.18 -15.09
C GLY A 36 0.94 -6.39 -13.88
N PHE A 37 1.81 -5.54 -13.31
CA PHE A 37 1.42 -4.70 -12.19
C PHE A 37 0.52 -3.56 -12.65
N GLY A 38 -0.50 -3.24 -11.86
CA GLY A 38 -1.42 -2.19 -12.25
C GLY A 38 -0.92 -0.79 -12.07
N GLY A 39 -0.12 -0.54 -11.03
CA GLY A 39 0.32 0.82 -10.77
C GLY A 39 1.20 0.89 -9.56
N VAL A 40 1.58 2.14 -9.23
CA VAL A 40 2.56 2.46 -8.21
C VAL A 40 2.01 3.54 -7.31
N GLN A 41 2.05 3.30 -6.00
CA GLN A 41 1.88 4.37 -5.03
C GLN A 41 3.26 5.00 -4.80
N VAL A 42 3.36 6.30 -5.06
CA VAL A 42 4.59 7.06 -4.87
C VAL A 42 4.57 7.74 -3.50
N SER A 43 5.76 8.00 -2.96
CA SER A 43 5.87 8.81 -1.77
C SER A 43 5.39 10.25 -2.08
N PRO A 44 5.09 11.04 -1.05
CA PRO A 44 4.56 12.39 -1.31
C PRO A 44 5.45 13.16 -2.26
N PRO A 45 4.92 13.71 -3.35
CA PRO A 45 5.78 14.38 -4.33
C PRO A 45 5.93 15.87 -4.10
N ASN A 46 5.30 16.40 -3.05
CA ASN A 46 5.37 17.81 -2.72
C ASN A 46 6.47 18.10 -1.70
N GLU A 47 7.00 19.32 -1.77
CA GLU A 47 8.10 19.78 -0.91
C GLU A 47 7.78 19.61 0.57
N ASN A 48 8.77 19.14 1.30
CA ASN A 48 8.64 18.82 2.73
C ASN A 48 9.81 19.42 3.51
N VAL A 49 9.69 19.39 4.84
CA VAL A 49 10.77 19.85 5.71
C VAL A 49 11.96 18.90 5.57
N ALA A 50 13.16 19.47 5.45
CA ALA A 50 14.39 18.71 5.53
C ALA A 50 14.78 18.66 7.01
N ILE A 51 14.72 17.47 7.60
CA ILE A 51 14.96 17.25 9.01
C ILE A 51 16.32 16.59 9.17
N TYR A 52 17.20 17.24 9.93
CA TYR A 52 18.57 16.75 10.10
C TYR A 52 18.82 16.12 11.46
N ASN A 53 17.92 16.30 12.42
CA ASN A 53 17.98 15.59 13.68
C ASN A 53 16.61 14.95 13.92
N PRO A 54 16.50 13.62 13.72
CA PRO A 54 17.54 12.70 13.24
C PRO A 54 17.77 12.91 11.73
N PHE A 55 18.71 12.16 11.15
CA PHE A 55 19.18 12.49 9.80
C PHE A 55 18.24 11.98 8.73
N ARG A 56 17.49 12.90 8.13
CA ARG A 56 16.64 12.64 6.97
C ARG A 56 15.72 11.44 7.16
N PRO A 57 14.89 11.44 8.21
CA PRO A 57 13.99 10.30 8.45
C PRO A 57 12.97 10.18 7.33
N TRP A 58 12.44 8.96 7.16
CA TRP A 58 11.39 8.79 6.15
C TRP A 58 10.21 9.71 6.45
N TRP A 59 9.94 9.94 7.73
CA TRP A 59 8.74 10.66 8.10
C TRP A 59 8.82 12.17 7.88
N GLU A 60 9.97 12.72 7.46
CA GLU A 60 9.98 14.13 7.09
C GLU A 60 9.05 14.41 5.91
N ARG A 61 8.77 13.40 5.07
CA ARG A 61 7.93 13.59 3.89
C ARG A 61 6.46 13.76 4.24
N TYR A 62 6.09 13.58 5.52
CA TYR A 62 4.72 13.79 5.97
C TYR A 62 4.58 15.14 6.67
N GLN A 63 5.55 16.04 6.45
CA GLN A 63 5.55 17.40 6.98
C GLN A 63 5.70 18.38 5.81
N PRO A 64 4.60 18.72 5.14
CA PRO A 64 4.68 19.60 3.97
C PRO A 64 5.16 21.02 4.28
N VAL A 65 5.87 21.59 3.30
CA VAL A 65 6.24 23.00 3.27
C VAL A 65 5.56 23.75 2.13
N SER A 66 5.29 23.08 1.01
CA SER A 66 4.60 23.69 -0.12
C SER A 66 4.06 22.57 -0.99
N TYR A 67 3.45 22.95 -2.10
CA TYR A 67 2.97 22.02 -3.11
C TYR A 67 3.84 22.01 -4.36
N LYS A 68 5.04 22.58 -4.28
CA LYS A 68 6.02 22.40 -5.35
C LYS A 68 6.40 20.93 -5.43
N LEU A 69 6.57 20.42 -6.65
CA LEU A 69 6.85 19.01 -6.87
C LEU A 69 8.37 18.80 -6.84
N CYS A 70 8.92 18.88 -5.62
CA CYS A 70 10.35 19.08 -5.47
C CYS A 70 10.77 18.43 -4.15
N THR A 71 11.32 17.21 -4.25
CA THR A 71 11.56 16.34 -3.11
C THR A 71 12.86 15.58 -3.36
N ARG A 72 13.26 14.75 -2.38
CA ARG A 72 14.39 13.87 -2.58
C ARG A 72 14.16 12.85 -3.67
N SER A 73 12.90 12.59 -4.06
CA SER A 73 12.65 11.71 -5.19
C SER A 73 12.89 12.38 -6.54
N GLY A 74 12.87 13.69 -6.60
CA GLY A 74 13.12 14.41 -7.84
C GLY A 74 12.31 15.68 -7.95
N ASN A 75 12.49 16.36 -9.08
CA ASN A 75 11.84 17.64 -9.35
C ASN A 75 10.62 17.43 -10.27
N GLU A 76 9.97 18.53 -10.68
CA GLU A 76 8.72 18.40 -11.43
C GLU A 76 8.95 17.77 -12.79
N ASP A 77 10.03 18.13 -13.48
CA ASP A 77 10.30 17.53 -14.77
C ASP A 77 10.49 16.02 -14.64
N GLU A 78 11.20 15.60 -13.58
CA GLU A 78 11.44 14.18 -13.35
C GLU A 78 10.13 13.47 -12.98
N PHE A 79 9.28 14.13 -12.21
CA PHE A 79 7.99 13.55 -11.87
C PHE A 79 7.13 13.36 -13.11
N ARG A 80 7.03 14.41 -13.94
CA ARG A 80 6.24 14.29 -15.17
C ARG A 80 6.81 13.22 -16.09
N ASN A 81 8.13 13.17 -16.23
CA ASN A 81 8.77 12.14 -17.04
C ASN A 81 8.35 10.74 -16.57
N MET A 82 8.34 10.52 -15.25
CA MET A 82 7.92 9.24 -14.70
C MET A 82 6.46 8.94 -15.02
N VAL A 83 5.56 9.91 -14.80
CA VAL A 83 4.14 9.66 -15.02
C VAL A 83 3.89 9.34 -16.49
N THR A 84 4.52 10.10 -17.39
CA THR A 84 4.37 9.86 -18.81
C THR A 84 4.87 8.48 -19.20
N ARG A 85 6.09 8.13 -18.76
CA ARG A 85 6.67 6.85 -19.16
C ARG A 85 5.89 5.68 -18.60
N CYS A 86 5.42 5.80 -17.36
CA CYS A 86 4.62 4.73 -16.76
C CYS A 86 3.27 4.60 -17.49
N ASN A 87 2.56 5.71 -17.70
CA ASN A 87 1.28 5.65 -18.40
C ASN A 87 1.47 5.08 -19.80
N ASN A 88 2.59 5.40 -20.45
CA ASN A 88 2.80 4.93 -21.82
C ASN A 88 2.98 3.43 -21.91
N VAL A 89 3.36 2.77 -20.81
CA VAL A 89 3.41 1.31 -20.75
C VAL A 89 2.27 0.75 -19.92
N GLY A 90 1.25 1.56 -19.64
CA GLY A 90 0.04 1.06 -19.01
C GLY A 90 0.15 0.77 -17.52
N VAL A 91 1.04 1.46 -16.81
CA VAL A 91 1.23 1.32 -15.36
C VAL A 91 0.92 2.66 -14.74
N ARG A 92 -0.06 2.70 -13.83
CA ARG A 92 -0.58 3.95 -13.30
C ARG A 92 0.23 4.45 -12.11
N ILE A 93 0.08 5.75 -11.83
CA ILE A 93 0.71 6.42 -10.69
C ILE A 93 -0.38 6.94 -9.76
N TYR A 94 -0.25 6.61 -8.47
CA TYR A 94 -1.13 7.08 -7.40
C TYR A 94 -0.31 7.90 -6.42
N VAL A 95 -0.74 9.10 -6.13
CA VAL A 95 -0.01 10.02 -5.27
C VAL A 95 -0.48 9.93 -3.83
N ASP A 96 0.49 9.88 -2.91
CA ASP A 96 0.27 10.00 -1.47
C ASP A 96 0.09 11.49 -1.18
N ALA A 97 -1.18 11.88 -0.99
CA ALA A 97 -1.60 13.27 -0.83
C ALA A 97 -1.64 13.61 0.66
N VAL A 98 -0.74 14.49 1.08
CA VAL A 98 -0.61 14.89 2.47
C VAL A 98 -1.28 16.26 2.56
N ILE A 99 -2.58 16.25 2.87
CA ILE A 99 -3.45 17.41 2.73
C ILE A 99 -4.15 17.80 4.03
N ASN A 100 -4.00 17.02 5.10
CA ASN A 100 -4.61 17.38 6.38
C ASN A 100 -3.83 18.47 7.08
N HIS A 101 -2.52 18.55 6.83
CA HIS A 101 -1.64 19.31 7.69
C HIS A 101 -0.44 19.83 6.90
N MET A 102 0.24 20.80 7.50
CA MET A 102 1.58 21.17 7.10
C MET A 102 2.55 20.56 8.11
N CYS A 103 3.65 21.21 8.44
CA CYS A 103 4.66 20.58 9.27
C CYS A 103 4.40 20.76 10.76
N GLY A 104 5.28 20.19 11.57
CA GLY A 104 5.15 20.32 13.01
C GLY A 104 5.23 21.78 13.44
N ASN A 105 4.40 22.13 14.43
CA ASN A 105 4.31 23.51 14.87
C ASN A 105 5.59 24.01 15.53
N ALA A 106 6.47 23.11 15.98
CA ALA A 106 7.71 23.50 16.64
C ALA A 106 8.93 23.41 15.74
N VAL A 107 8.75 23.06 14.47
CA VAL A 107 9.87 23.06 13.54
C VAL A 107 10.38 24.49 13.39
N SER A 108 11.71 24.65 13.37
CA SER A 108 12.30 25.97 13.27
C SER A 108 12.04 26.60 11.90
N ALA A 109 11.81 27.91 11.91
CA ALA A 109 11.59 28.66 10.68
C ALA A 109 12.88 28.78 9.87
N GLY A 110 12.73 28.91 8.57
CA GLY A 110 13.88 29.07 7.70
C GLY A 110 13.63 28.40 6.35
N THR A 111 14.71 27.92 5.74
CA THR A 111 14.65 27.30 4.42
C THR A 111 15.15 25.86 4.45
N SER A 112 14.97 25.16 5.56
CA SER A 112 15.37 23.76 5.67
C SER A 112 14.23 22.91 5.10
N SER A 113 14.16 22.92 3.77
CA SER A 113 13.07 22.33 3.02
C SER A 113 13.65 21.76 1.73
N THR A 114 12.92 20.81 1.12
CA THR A 114 13.52 20.07 0.01
C THR A 114 13.63 20.87 -1.27
N CYS A 115 12.93 22.01 -1.40
CA CYS A 115 13.14 22.91 -2.53
C CYS A 115 13.67 24.26 -2.08
N GLY A 116 14.02 24.42 -0.81
CA GLY A 116 14.53 25.67 -0.31
C GLY A 116 13.50 26.76 -0.07
N SER A 117 12.21 26.43 -0.12
CA SER A 117 11.19 27.41 0.20
C SER A 117 11.28 27.82 1.66
N TYR A 118 11.05 29.10 1.92
CA TYR A 118 10.94 29.60 3.28
C TYR A 118 9.60 29.18 3.90
N PHE A 119 9.63 28.93 5.21
CA PHE A 119 8.42 28.66 5.97
C PHE A 119 8.69 28.99 7.43
N ASN A 120 7.63 29.35 8.15
CA ASN A 120 7.75 29.77 9.55
C ASN A 120 6.59 29.15 10.32
N PRO A 121 6.78 27.94 10.87
CA PRO A 121 5.65 27.28 11.54
C PRO A 121 5.09 28.08 12.69
N GLY A 122 5.96 28.71 13.47
CA GLY A 122 5.51 29.48 14.62
C GLY A 122 4.57 30.62 14.25
N SER A 123 4.78 31.25 13.10
CA SER A 123 3.90 32.31 12.64
C SER A 123 2.85 31.84 11.64
N ARG A 124 2.81 30.53 11.38
CA ARG A 124 1.81 29.92 10.48
C ARG A 124 1.98 30.40 9.04
N ASP A 125 3.21 30.73 8.66
CA ASP A 125 3.52 31.38 7.38
C ASP A 125 4.18 30.37 6.45
N PHE A 126 3.47 30.00 5.38
CA PHE A 126 3.98 29.10 4.34
C PHE A 126 3.82 29.84 3.03
N PRO A 127 4.71 30.79 2.74
CA PRO A 127 4.47 31.71 1.61
C PRO A 127 4.56 31.04 0.25
N ALA A 128 5.15 29.87 0.15
CA ALA A 128 5.21 29.20 -1.16
C ALA A 128 3.89 28.58 -1.57
N VAL A 129 2.89 28.55 -0.68
CA VAL A 129 1.55 28.04 -1.05
C VAL A 129 0.67 29.10 -1.75
N PRO A 130 0.30 30.21 -1.06
CA PRO A 130 0.61 30.58 0.31
C PRO A 130 -0.49 30.21 1.29
N TYR A 131 -0.08 29.89 2.52
CA TYR A 131 -0.96 29.80 3.67
C TYR A 131 -0.47 30.76 4.74
N SER A 132 -1.42 31.24 5.55
CA SER A 132 -1.14 32.10 6.69
C SER A 132 -1.91 31.57 7.90
N GLY A 133 -1.83 32.28 9.02
CA GLY A 133 -2.53 31.86 10.22
C GLY A 133 -4.03 31.69 10.03
N TRP A 134 -4.63 32.42 9.09
CA TRP A 134 -6.05 32.29 8.79
C TRP A 134 -6.42 30.92 8.25
N ASP A 135 -5.43 30.12 7.84
CA ASP A 135 -5.67 28.87 7.14
C ASP A 135 -5.50 27.64 8.01
N PHE A 136 -5.34 27.81 9.33
CA PHE A 136 -5.13 26.70 10.26
C PHE A 136 -6.21 26.70 11.32
N ASN A 137 -6.31 25.58 12.04
CA ASN A 137 -7.41 25.30 12.96
C ASN A 137 -7.12 25.72 14.41
N ASP A 138 -6.13 26.59 14.64
CA ASP A 138 -5.82 27.07 15.98
C ASP A 138 -7.05 27.48 16.76
N GLY A 139 -7.92 28.28 16.14
CA GLY A 139 -9.08 28.79 16.85
C GLY A 139 -10.19 27.77 17.04
N LYS A 140 -10.26 26.79 16.14
CA LYS A 140 -11.35 25.81 16.13
C LYS A 140 -11.10 24.68 17.12
N CYS A 141 -9.85 24.28 17.28
CA CYS A 141 -9.53 23.20 18.21
C CYS A 141 -9.80 23.63 19.65
N LYS A 142 -10.43 22.74 20.41
CA LYS A 142 -10.83 23.06 21.78
C LYS A 142 -9.98 22.37 22.84
N THR A 143 -8.91 21.66 22.49
CA THR A 143 -8.13 21.00 23.52
C THR A 143 -7.16 21.98 24.21
N GLY A 144 -6.80 21.63 25.43
CA GLY A 144 -5.88 22.48 26.18
C GLY A 144 -4.51 22.57 25.58
N SER A 145 -4.05 21.52 24.90
CA SER A 145 -2.72 21.51 24.28
C SER A 145 -2.72 22.04 22.86
N GLY A 146 -3.87 22.04 22.20
CA GLY A 146 -3.96 22.27 20.77
C GLY A 146 -3.70 21.04 19.91
N ASP A 147 -3.34 19.92 20.53
CA ASP A 147 -3.08 18.67 19.84
C ASP A 147 -4.25 17.72 20.09
N ILE A 148 -4.29 16.64 19.33
CA ILE A 148 -5.24 15.57 19.61
C ILE A 148 -4.82 14.87 20.89
N GLU A 149 -5.74 14.78 21.84
CA GLU A 149 -5.53 14.18 23.15
C GLU A 149 -6.35 12.92 23.39
N ASN A 150 -7.53 12.81 22.78
CA ASN A 150 -8.49 11.78 23.15
C ASN A 150 -9.27 11.38 21.92
N TYR A 151 -9.03 10.15 21.46
CA TYR A 151 -9.68 9.66 20.27
C TYR A 151 -11.14 9.29 20.50
N ASN A 152 -11.63 9.36 21.73
CA ASN A 152 -13.06 9.20 21.98
C ASN A 152 -13.85 10.45 21.65
N ASP A 153 -13.19 11.55 21.32
CA ASP A 153 -13.84 12.80 20.92
C ASP A 153 -13.60 12.99 19.42
N ALA A 154 -14.59 12.63 18.60
CA ALA A 154 -14.39 12.67 17.17
C ALA A 154 -14.14 14.08 16.64
N THR A 155 -14.58 15.12 17.35
CA THR A 155 -14.35 16.47 16.88
C THR A 155 -12.88 16.86 16.97
N GLN A 156 -12.25 16.65 18.14
CA GLN A 156 -10.86 17.04 18.27
C GLN A 156 -9.95 16.23 17.36
N VAL A 157 -10.33 15.00 17.01
CA VAL A 157 -9.52 14.20 16.10
C VAL A 157 -9.40 14.89 14.75
N ARG A 158 -10.42 15.63 14.35
CA ARG A 158 -10.44 16.34 13.07
C ARG A 158 -9.93 17.77 13.16
N ASP A 159 -10.14 18.47 14.29
CA ASP A 159 -9.89 19.91 14.36
C ASP A 159 -8.59 20.28 15.05
N CYS A 160 -7.91 19.32 15.68
CA CYS A 160 -6.71 19.57 16.45
C CYS A 160 -5.50 18.92 15.78
N ARG A 161 -4.31 19.26 16.28
CA ARG A 161 -3.08 18.86 15.61
C ARG A 161 -2.71 17.42 15.93
N LEU A 162 -2.56 16.60 14.89
CA LEU A 162 -2.03 15.25 15.05
C LEU A 162 -0.56 15.36 15.44
N THR A 163 -0.26 15.00 16.68
CA THR A 163 1.09 15.11 17.24
C THR A 163 1.79 16.40 16.85
N GLY A 164 1.07 17.51 16.97
CA GLY A 164 1.65 18.82 16.75
C GLY A 164 1.71 19.29 15.32
N LEU A 165 1.28 18.48 14.35
CA LEU A 165 1.30 18.90 12.94
C LEU A 165 0.24 19.97 12.70
N LEU A 166 0.66 21.11 12.16
CA LEU A 166 -0.27 22.23 11.94
C LEU A 166 -1.44 21.79 11.06
N ASP A 167 -2.65 22.02 11.56
CA ASP A 167 -3.85 21.38 11.03
C ASP A 167 -4.60 22.38 10.14
N LEU A 168 -4.70 22.06 8.86
CA LEU A 168 -5.30 23.00 7.92
C LEU A 168 -6.81 23.12 8.11
N ALA A 169 -7.32 24.34 7.88
CA ALA A 169 -8.74 24.65 8.05
C ALA A 169 -9.49 24.25 6.77
N LEU A 170 -9.77 22.95 6.68
CA LEU A 170 -10.32 22.35 5.46
C LEU A 170 -11.77 22.71 5.20
N GLU A 171 -12.42 23.45 6.11
CA GLU A 171 -13.75 23.99 5.83
C GLU A 171 -13.70 25.19 4.90
N LYS A 172 -12.55 25.86 4.80
CA LYS A 172 -12.44 27.11 4.09
C LYS A 172 -12.29 26.87 2.60
N ASP A 173 -13.06 27.59 1.79
CA ASP A 173 -12.93 27.42 0.35
C ASP A 173 -11.51 27.74 -0.13
N TYR A 174 -10.86 28.74 0.46
CA TYR A 174 -9.49 29.07 0.02
C TYR A 174 -8.58 27.87 0.19
N VAL A 175 -8.64 27.22 1.36
CA VAL A 175 -7.76 26.08 1.63
C VAL A 175 -8.12 24.91 0.74
N ARG A 176 -9.42 24.60 0.63
CA ARG A 176 -9.86 23.56 -0.27
C ARG A 176 -9.35 23.81 -1.70
N SER A 177 -9.36 25.07 -2.12
CA SER A 177 -8.95 25.43 -3.47
C SER A 177 -7.44 25.29 -3.67
N LYS A 178 -6.65 25.59 -2.64
CA LYS A 178 -5.20 25.40 -2.79
C LYS A 178 -4.85 23.92 -2.86
N ILE A 179 -5.56 23.10 -2.09
CA ILE A 179 -5.35 21.66 -2.16
C ILE A 179 -5.79 21.12 -3.52
N ALA A 180 -6.95 21.57 -4.00
CA ALA A 180 -7.41 21.12 -5.31
C ALA A 180 -6.49 21.60 -6.44
N GLU A 181 -5.89 22.78 -6.28
CA GLU A 181 -4.93 23.27 -7.26
C GLU A 181 -3.74 22.32 -7.37
N TYR A 182 -3.23 21.89 -6.22
CA TYR A 182 -2.16 20.89 -6.18
C TYR A 182 -2.62 19.57 -6.81
N MET A 183 -3.78 19.05 -6.38
CA MET A 183 -4.21 17.75 -6.88
C MET A 183 -4.54 17.79 -8.37
N ASN A 184 -5.10 18.90 -8.85
CA ASN A 184 -5.40 19.03 -10.28
C ASN A 184 -4.15 19.18 -11.12
N HIS A 185 -3.12 19.84 -10.58
CA HIS A 185 -1.82 19.83 -11.24
C HIS A 185 -1.37 18.39 -11.47
N LEU A 186 -1.51 17.55 -10.45
CA LEU A 186 -1.09 16.15 -10.56
C LEU A 186 -1.98 15.35 -11.50
N ILE A 187 -3.31 15.53 -11.40
CA ILE A 187 -4.20 14.85 -12.35
C ILE A 187 -3.87 15.23 -13.78
N ASP A 188 -3.65 16.52 -14.04
CA ASP A 188 -3.42 16.93 -15.41
C ASP A 188 -2.07 16.45 -15.93
N ILE A 189 -1.10 16.18 -15.03
CA ILE A 189 0.17 15.53 -15.37
C ILE A 189 -0.06 14.08 -15.81
N GLY A 190 -1.08 13.44 -15.26
CA GLY A 190 -1.40 12.07 -15.64
C GLY A 190 -1.58 11.09 -14.49
N VAL A 191 -1.58 11.55 -13.25
CA VAL A 191 -1.80 10.63 -12.13
C VAL A 191 -3.23 10.08 -12.17
N ALA A 192 -3.38 8.82 -11.73
CA ALA A 192 -4.63 8.09 -11.81
C ALA A 192 -5.45 8.16 -10.54
N GLY A 193 -4.88 8.63 -9.44
CA GLY A 193 -5.60 8.66 -8.19
C GLY A 193 -4.69 8.99 -7.04
N PHE A 194 -5.23 8.86 -5.83
CA PHE A 194 -4.58 9.36 -4.63
C PHE A 194 -4.86 8.49 -3.43
N ARG A 195 -3.83 8.32 -2.60
CA ARG A 195 -3.99 7.95 -1.21
C ARG A 195 -4.21 9.26 -0.45
N LEU A 196 -5.33 9.39 0.25
CA LEU A 196 -5.54 10.58 1.08
C LEU A 196 -5.05 10.26 2.48
N ASP A 197 -3.83 10.72 2.77
N ASP A 197 -3.84 10.73 2.78
CA ASP A 197 -3.21 10.58 4.08
CA ASP A 197 -3.25 10.49 4.09
C ASP A 197 -4.01 11.15 5.21
C ASP A 197 -4.03 11.13 5.20
N ALA A 198 -4.05 10.48 6.36
CA ALA A 198 -4.66 11.08 7.55
C ALA A 198 -6.13 11.44 7.32
N SER A 199 -6.85 10.61 6.57
CA SER A 199 -8.26 10.90 6.32
C SER A 199 -9.09 10.86 7.60
N LYS A 200 -8.72 10.04 8.59
CA LYS A 200 -9.43 10.04 9.85
C LYS A 200 -9.45 11.44 10.48
N HIS A 201 -8.44 12.25 10.16
CA HIS A 201 -8.23 13.57 10.74
C HIS A 201 -8.89 14.66 9.95
N MET A 202 -9.66 14.28 8.93
CA MET A 202 -10.42 15.21 8.09
C MET A 202 -11.89 14.83 8.17
N TRP A 203 -12.76 15.84 8.13
CA TRP A 203 -14.18 15.57 8.10
C TRP A 203 -14.55 14.96 6.75
N PRO A 204 -15.39 13.92 6.73
CA PRO A 204 -15.85 13.39 5.44
C PRO A 204 -16.33 14.44 4.47
N GLY A 205 -17.09 15.42 4.96
CA GLY A 205 -17.64 16.45 4.09
C GLY A 205 -16.62 17.43 3.56
N ASP A 206 -15.53 17.67 4.30
CA ASP A 206 -14.47 18.51 3.76
C ASP A 206 -13.72 17.76 2.67
N ILE A 207 -13.44 16.47 2.87
CA ILE A 207 -12.86 15.68 1.78
C ILE A 207 -13.77 15.74 0.55
N LYS A 208 -15.08 15.54 0.74
CA LYS A 208 -16.00 15.59 -0.39
C LYS A 208 -15.92 16.91 -1.13
N ALA A 209 -15.84 18.02 -0.39
CA ALA A 209 -15.79 19.33 -1.03
C ALA A 209 -14.50 19.52 -1.83
N ILE A 210 -13.40 18.95 -1.35
CA ILE A 210 -12.16 18.99 -2.11
C ILE A 210 -12.29 18.13 -3.36
N LEU A 211 -12.84 16.92 -3.22
CA LEU A 211 -12.98 16.03 -4.36
C LEU A 211 -13.90 16.61 -5.43
N ASP A 212 -14.90 17.41 -5.02
CA ASP A 212 -15.80 18.07 -5.97
C ASP A 212 -15.08 19.04 -6.88
N LYS A 213 -13.89 19.51 -6.48
CA LYS A 213 -13.09 20.43 -7.27
C LYS A 213 -12.15 19.73 -8.22
N LEU A 214 -12.05 18.40 -8.19
CA LEU A 214 -11.05 17.71 -8.98
C LEU A 214 -11.50 17.43 -10.40
N HIS A 215 -10.53 17.46 -11.29
CA HIS A 215 -10.71 17.12 -12.69
C HIS A 215 -10.94 15.64 -12.88
N ASN A 216 -11.47 15.30 -14.04
CA ASN A 216 -11.36 13.93 -14.54
C ASN A 216 -9.94 13.69 -15.04
N LEU A 217 -9.60 12.40 -15.21
CA LEU A 217 -8.23 12.03 -15.54
C LEU A 217 -7.83 12.50 -16.92
N ASN A 218 -6.52 12.60 -17.14
CA ASN A 218 -5.99 13.18 -18.36
C ASN A 218 -6.44 12.38 -19.58
N SER A 219 -7.16 13.04 -20.48
CA SER A 219 -7.83 12.36 -21.59
C SER A 219 -6.90 11.91 -22.72
N ASN A 220 -5.58 12.19 -22.63
CA ASN A 220 -4.64 11.57 -23.56
C ASN A 220 -4.43 10.11 -23.23
N TRP A 221 -4.64 9.71 -21.98
CA TRP A 221 -4.47 8.31 -21.58
C TRP A 221 -5.74 7.62 -21.09
N PHE A 222 -6.73 8.36 -20.61
CA PHE A 222 -7.85 7.76 -19.95
C PHE A 222 -9.14 8.12 -20.69
N PRO A 223 -10.14 7.23 -20.68
CA PRO A 223 -11.41 7.57 -21.33
C PRO A 223 -12.05 8.79 -20.69
N ALA A 224 -12.85 9.51 -21.49
CA ALA A 224 -13.50 10.70 -21.00
C ALA A 224 -14.31 10.41 -19.75
N GLY A 225 -14.26 11.34 -18.79
CA GLY A 225 -15.07 11.23 -17.60
C GLY A 225 -14.58 10.26 -16.55
N SER A 226 -13.31 9.85 -16.62
CA SER A 226 -12.75 8.95 -15.62
C SER A 226 -12.44 9.74 -14.36
N LYS A 227 -12.93 9.27 -13.22
CA LYS A 227 -12.69 9.93 -11.94
C LYS A 227 -11.41 9.39 -11.30
N PRO A 228 -10.63 10.23 -10.63
CA PRO A 228 -9.46 9.70 -9.90
C PRO A 228 -9.88 8.66 -8.89
N PHE A 229 -9.09 7.60 -8.80
CA PHE A 229 -9.23 6.61 -7.72
C PHE A 229 -8.87 7.27 -6.41
N ILE A 230 -9.71 7.09 -5.39
CA ILE A 230 -9.48 7.67 -4.08
C ILE A 230 -9.46 6.55 -3.07
N TYR A 231 -8.36 6.43 -2.33
CA TYR A 231 -8.35 5.54 -1.17
C TYR A 231 -7.91 6.35 0.03
N GLN A 232 -8.75 6.38 1.04
CA GLN A 232 -8.59 7.21 2.22
C GLN A 232 -7.92 6.42 3.32
N GLU A 233 -6.82 6.94 3.87
CA GLU A 233 -6.18 6.30 5.01
C GLU A 233 -6.99 6.62 6.26
N VAL A 234 -7.74 5.64 6.73
CA VAL A 234 -8.49 5.72 7.97
C VAL A 234 -8.09 4.51 8.78
N ILE A 235 -7.42 4.72 9.90
CA ILE A 235 -7.07 3.62 10.80
C ILE A 235 -8.27 3.40 11.71
N ASP A 236 -9.00 2.32 11.47
CA ASP A 236 -10.21 2.02 12.24
C ASP A 236 -10.09 0.55 12.64
N LEU A 237 -9.65 0.32 13.86
CA LEU A 237 -9.52 -1.02 14.41
C LEU A 237 -10.67 -1.36 15.34
N GLY A 238 -11.72 -0.55 15.37
CA GLY A 238 -12.98 -0.94 15.96
C GLY A 238 -13.34 -0.36 17.31
N GLY A 239 -12.45 0.35 17.99
CA GLY A 239 -12.72 0.72 19.38
C GLY A 239 -12.92 2.21 19.65
N GLU A 240 -13.31 2.95 18.62
CA GLU A 240 -13.35 4.40 18.63
C GLU A 240 -14.63 4.87 17.96
N PRO A 241 -15.04 6.12 18.22
CA PRO A 241 -16.27 6.61 17.57
C PRO A 241 -16.14 6.73 16.07
N ILE A 242 -14.98 7.11 15.54
CA ILE A 242 -14.84 7.29 14.10
C ILE A 242 -14.82 5.93 13.41
N LYS A 243 -15.72 5.75 12.45
CA LYS A 243 -15.81 4.55 11.65
C LYS A 243 -15.46 4.88 10.20
N SER A 244 -14.71 3.99 9.55
CA SER A 244 -14.29 4.30 8.19
C SER A 244 -15.48 4.34 7.23
N SER A 245 -16.59 3.70 7.58
CA SER A 245 -17.79 3.79 6.74
C SER A 245 -18.27 5.22 6.55
N ASP A 246 -17.94 6.14 7.46
CA ASP A 246 -18.32 7.54 7.25
C ASP A 246 -17.70 8.13 5.99
N TYR A 247 -16.67 7.48 5.44
CA TYR A 247 -15.92 7.98 4.30
C TYR A 247 -16.29 7.30 2.99
N PHE A 248 -17.31 6.41 2.98
CA PHE A 248 -17.59 5.63 1.78
C PHE A 248 -18.12 6.47 0.63
N GLY A 249 -18.76 7.62 0.91
CA GLY A 249 -19.23 8.48 -0.18
C GLY A 249 -18.13 9.19 -0.94
N ASN A 250 -16.88 9.09 -0.47
CA ASN A 250 -15.75 9.75 -1.09
C ASN A 250 -14.87 8.82 -1.90
N GLY A 251 -14.83 7.54 -1.58
CA GLY A 251 -13.85 6.64 -2.15
C GLY A 251 -13.71 5.40 -1.31
N ARG A 252 -12.70 4.60 -1.65
CA ARG A 252 -12.33 3.46 -0.83
C ARG A 252 -11.63 3.92 0.45
N VAL A 253 -11.44 2.98 1.36
CA VAL A 253 -10.71 3.20 2.60
C VAL A 253 -9.69 2.08 2.77
N THR A 254 -8.57 2.43 3.40
CA THR A 254 -7.64 1.41 3.86
C THR A 254 -8.29 0.55 4.92
N GLU A 255 -8.19 -0.76 4.79
CA GLU A 255 -8.72 -1.69 5.80
C GLU A 255 -7.56 -2.22 6.62
N PHE A 256 -7.24 -1.52 7.71
CA PHE A 256 -6.13 -1.93 8.56
C PHE A 256 -6.45 -3.18 9.37
N LYS A 257 -7.72 -3.55 9.53
CA LYS A 257 -8.01 -4.81 10.21
C LYS A 257 -7.49 -6.00 9.42
N TYR A 258 -7.34 -5.83 8.10
CA TYR A 258 -6.97 -6.93 7.21
C TYR A 258 -5.61 -7.50 7.59
N GLY A 259 -4.58 -6.65 7.57
CA GLY A 259 -3.25 -7.15 7.89
C GLY A 259 -3.09 -7.46 9.35
N ALA A 260 -3.78 -6.75 10.22
CA ALA A 260 -3.71 -7.05 11.66
C ALA A 260 -4.19 -8.46 11.94
N LYS A 261 -5.36 -8.81 11.39
CA LYS A 261 -5.92 -10.14 11.63
C LYS A 261 -5.20 -11.22 10.84
N LEU A 262 -4.77 -10.92 9.61
CA LEU A 262 -4.03 -11.94 8.87
C LEU A 262 -2.72 -12.25 9.58
N GLY A 263 -2.11 -11.23 10.18
CA GLY A 263 -0.90 -11.47 10.96
C GLY A 263 -1.16 -12.32 12.20
N THR A 264 -2.22 -12.03 12.94
CA THR A 264 -2.52 -12.86 14.11
C THR A 264 -2.85 -14.30 13.72
N VAL A 265 -3.54 -14.48 12.59
CA VAL A 265 -3.87 -15.83 12.14
C VAL A 265 -2.61 -16.59 11.74
N ILE A 266 -1.77 -15.98 10.91
CA ILE A 266 -0.60 -16.68 10.39
C ILE A 266 0.45 -16.91 11.48
N ARG A 267 0.54 -16.01 12.45
CA ARG A 267 1.40 -16.24 13.61
C ARG A 267 0.76 -17.16 14.64
N LYS A 268 -0.52 -17.51 14.45
CA LYS A 268 -1.24 -18.44 15.33
C LYS A 268 -1.36 -17.88 16.75
N TRP A 269 -1.55 -16.57 16.86
CA TRP A 269 -1.73 -15.93 18.14
C TRP A 269 -3.12 -16.20 18.67
N ASN A 270 -3.22 -16.37 19.99
CA ASN A 270 -4.49 -16.45 20.68
C ASN A 270 -5.37 -17.55 20.13
N GLY A 271 -4.76 -18.65 19.70
CA GLY A 271 -5.51 -19.78 19.22
C GLY A 271 -6.06 -19.62 17.81
N GLU A 272 -5.72 -18.55 17.11
CA GLU A 272 -6.21 -18.39 15.74
C GLU A 272 -5.47 -19.34 14.79
N LYS A 273 -6.12 -19.64 13.68
CA LYS A 273 -5.56 -20.60 12.74
C LYS A 273 -6.20 -20.42 11.38
N MET A 274 -5.51 -20.93 10.37
CA MET A 274 -5.90 -20.64 8.99
C MET A 274 -7.25 -21.23 8.63
N SER A 275 -7.69 -22.31 9.30
CA SER A 275 -9.01 -22.87 9.02
C SER A 275 -10.11 -21.84 9.25
N TYR A 276 -9.87 -20.85 10.11
CA TYR A 276 -10.86 -19.81 10.38
C TYR A 276 -11.05 -18.86 9.20
N LEU A 277 -10.16 -18.87 8.21
CA LEU A 277 -10.21 -17.94 7.09
C LEU A 277 -11.26 -18.31 6.05
N LYS A 278 -12.02 -19.38 6.25
CA LYS A 278 -13.03 -19.77 5.26
C LYS A 278 -13.97 -18.61 4.94
N ASN A 279 -14.34 -17.83 5.96
CA ASN A 279 -15.27 -16.72 5.81
C ASN A 279 -14.57 -15.36 5.86
N TRP A 280 -13.28 -15.33 5.51
CA TRP A 280 -12.53 -14.08 5.38
C TRP A 280 -13.29 -13.06 4.55
N GLY A 281 -13.25 -11.80 4.99
CA GLY A 281 -13.98 -10.72 4.35
C GLY A 281 -14.87 -10.01 5.36
N GLU A 282 -16.07 -9.60 4.90
CA GLU A 282 -16.97 -8.86 5.78
C GLU A 282 -17.33 -9.65 7.04
N GLY A 283 -17.30 -10.99 6.96
CA GLY A 283 -17.59 -11.81 8.12
C GLY A 283 -16.61 -11.62 9.26
N TRP A 284 -15.42 -11.09 8.98
CA TRP A 284 -14.45 -10.76 10.00
C TRP A 284 -14.61 -9.33 10.52
N GLY A 285 -15.67 -8.63 10.12
CA GLY A 285 -15.89 -7.27 10.56
C GLY A 285 -15.27 -6.23 9.65
N PHE A 286 -14.86 -6.61 8.44
CA PHE A 286 -14.19 -5.70 7.53
C PHE A 286 -15.21 -4.88 6.72
N VAL A 287 -14.72 -3.81 6.10
CA VAL A 287 -15.56 -3.00 5.23
C VAL A 287 -15.99 -3.82 4.02
N PRO A 288 -17.00 -3.38 3.28
CA PRO A 288 -17.34 -4.08 2.03
C PRO A 288 -16.12 -4.16 1.12
N SER A 289 -16.00 -5.30 0.43
CA SER A 289 -14.88 -5.53 -0.47
C SER A 289 -14.70 -4.39 -1.47
N ASP A 290 -15.79 -3.87 -2.04
CA ASP A 290 -15.70 -2.81 -3.04
C ASP A 290 -15.32 -1.45 -2.47
N ARG A 291 -15.10 -1.36 -1.16
CA ARG A 291 -14.57 -0.16 -0.55
C ARG A 291 -13.23 -0.37 0.11
N ALA A 292 -12.62 -1.55 -0.05
CA ALA A 292 -11.40 -1.89 0.67
C ALA A 292 -10.16 -1.74 -0.21
N LEU A 293 -9.15 -1.10 0.35
CA LEU A 293 -7.77 -1.16 -0.10
C LEU A 293 -7.05 -2.00 0.94
N VAL A 294 -6.54 -3.17 0.53
CA VAL A 294 -5.98 -4.15 1.45
C VAL A 294 -4.49 -4.32 1.21
N PHE A 295 -3.82 -4.84 2.24
CA PHE A 295 -2.38 -4.93 2.29
C PHE A 295 -2.03 -5.72 3.55
N VAL A 296 -0.88 -6.39 3.51
CA VAL A 296 -0.37 -7.12 4.68
C VAL A 296 0.28 -6.15 5.66
N ASP A 297 1.19 -5.33 5.16
CA ASP A 297 1.86 -4.28 5.90
C ASP A 297 1.85 -3.01 5.06
N ASN A 298 2.06 -1.86 5.71
CA ASN A 298 2.31 -0.61 5.01
C ASN A 298 3.58 0.04 5.55
N HIS A 299 3.90 1.20 5.01
CA HIS A 299 5.18 1.82 5.33
C HIS A 299 5.26 2.22 6.79
N ASP A 300 4.11 2.57 7.40
CA ASP A 300 4.07 2.90 8.82
C ASP A 300 4.19 1.66 9.69
N ASN A 301 3.29 0.70 9.49
CA ASN A 301 3.17 -0.37 10.47
C ASN A 301 4.22 -1.46 10.30
N GLN A 302 4.97 -1.47 9.20
CA GLN A 302 6.08 -2.42 9.13
C GLN A 302 7.21 -2.03 10.09
N ARG A 303 7.17 -0.82 10.66
CA ARG A 303 8.18 -0.28 11.57
C ARG A 303 7.53 0.28 12.84
N GLY A 304 6.32 -0.17 13.17
CA GLY A 304 5.69 0.20 14.42
C GLY A 304 5.04 1.55 14.44
N HIS A 305 5.01 2.26 13.32
CA HIS A 305 4.34 3.54 13.22
C HIS A 305 2.86 3.37 12.82
N GLY A 306 2.16 4.50 12.73
CA GLY A 306 0.72 4.45 12.55
C GLY A 306 0.08 3.87 13.79
N ALA A 307 -0.89 2.99 13.61
CA ALA A 307 -1.38 2.22 14.73
C ALA A 307 -0.47 1.05 15.07
N GLY A 308 0.54 0.79 14.24
CA GLY A 308 1.47 -0.27 14.58
C GLY A 308 0.75 -1.61 14.62
N GLY A 309 0.96 -2.33 15.71
CA GLY A 309 0.47 -3.68 15.86
C GLY A 309 1.61 -4.68 15.81
N ALA A 310 1.79 -5.45 16.88
CA ALA A 310 2.87 -6.42 16.91
C ALA A 310 2.61 -7.57 15.95
N SER A 311 1.36 -7.77 15.50
CA SER A 311 1.08 -8.92 14.66
C SER A 311 1.50 -8.71 13.22
N ILE A 312 1.82 -7.49 12.81
CA ILE A 312 2.05 -7.20 11.39
C ILE A 312 3.24 -8.00 10.88
N LEU A 313 3.03 -8.69 9.76
CA LEU A 313 4.09 -9.41 9.06
C LEU A 313 4.75 -8.50 8.03
N THR A 314 6.08 -8.62 7.92
CA THR A 314 6.88 -7.79 7.04
C THR A 314 7.94 -8.67 6.38
N PHE A 315 8.71 -8.05 5.48
CA PHE A 315 9.80 -8.76 4.81
C PHE A 315 10.79 -9.35 5.79
N TRP A 316 10.90 -8.81 7.00
CA TRP A 316 11.80 -9.39 7.99
C TRP A 316 11.37 -10.79 8.36
N ASP A 317 10.08 -11.07 8.24
CA ASP A 317 9.49 -12.39 8.49
C ASP A 317 9.24 -13.09 7.16
N ALA A 318 10.26 -13.20 6.32
CA ALA A 318 10.07 -13.45 4.89
C ALA A 318 9.19 -14.66 4.61
N ARG A 319 9.43 -15.79 5.29
CA ARG A 319 8.71 -17.01 4.96
C ARG A 319 7.21 -16.85 5.21
N LEU A 320 6.83 -16.40 6.42
CA LEU A 320 5.42 -16.21 6.72
C LEU A 320 4.84 -15.05 5.92
N TYR A 321 5.65 -14.04 5.64
CA TYR A 321 5.20 -12.90 4.86
C TYR A 321 4.76 -13.33 3.48
N LYS A 322 5.58 -14.15 2.80
CA LYS A 322 5.20 -14.58 1.46
C LYS A 322 3.87 -15.33 1.49
N MET A 323 3.66 -16.14 2.53
CA MET A 323 2.39 -16.87 2.68
C MET A 323 1.22 -15.91 2.84
N ALA A 324 1.38 -14.91 3.71
CA ALA A 324 0.31 -13.94 3.95
C ALA A 324 0.00 -13.16 2.68
N VAL A 325 1.04 -12.68 1.99
CA VAL A 325 0.84 -11.96 0.74
C VAL A 325 0.16 -12.86 -0.29
N GLY A 326 0.56 -14.13 -0.33
CA GLY A 326 -0.03 -15.08 -1.25
C GLY A 326 -1.50 -15.30 -0.98
N PHE A 327 -1.87 -15.48 0.30
CA PHE A 327 -3.27 -15.60 0.65
C PHE A 327 -4.04 -14.36 0.20
N MET A 328 -3.52 -13.18 0.51
CA MET A 328 -4.18 -11.95 0.12
C MET A 328 -4.39 -11.88 -1.38
N LEU A 329 -3.34 -12.18 -2.15
CA LEU A 329 -3.42 -12.03 -3.60
C LEU A 329 -4.30 -13.09 -4.25
N ALA A 330 -4.50 -14.24 -3.61
CA ALA A 330 -5.41 -15.24 -4.14
C ALA A 330 -6.86 -14.97 -3.78
N HIS A 331 -7.11 -14.32 -2.65
CA HIS A 331 -8.47 -14.19 -2.15
C HIS A 331 -9.18 -13.00 -2.80
N PRO A 332 -10.45 -13.13 -3.18
CA PRO A 332 -11.09 -12.05 -3.95
C PRO A 332 -11.36 -10.76 -3.18
N TYR A 333 -11.28 -10.74 -1.86
CA TYR A 333 -11.65 -9.54 -1.10
C TYR A 333 -10.67 -8.39 -1.36
N GLY A 334 -11.23 -7.23 -1.70
CA GLY A 334 -10.48 -5.99 -1.70
C GLY A 334 -9.66 -5.74 -2.95
N PHE A 335 -9.14 -4.53 -3.05
CA PHE A 335 -8.16 -4.16 -4.06
C PHE A 335 -6.79 -4.17 -3.39
N THR A 336 -5.84 -4.92 -3.96
CA THR A 336 -4.60 -5.28 -3.28
C THR A 336 -3.43 -4.33 -3.58
N ARG A 337 -2.75 -3.94 -2.50
CA ARG A 337 -1.48 -3.20 -2.57
C ARG A 337 -0.36 -4.05 -1.97
N VAL A 338 0.69 -4.23 -2.75
CA VAL A 338 1.91 -4.92 -2.33
C VAL A 338 2.90 -3.86 -1.86
N MET A 339 3.58 -4.15 -0.76
CA MET A 339 4.60 -3.27 -0.21
C MET A 339 5.95 -3.54 -0.87
N SER A 340 6.74 -2.48 -1.06
CA SER A 340 8.13 -2.62 -1.51
C SER A 340 8.98 -1.70 -0.66
N SER A 341 9.96 -2.28 0.03
CA SER A 341 10.60 -1.65 1.17
C SER A 341 12.08 -1.43 0.95
N TYR A 342 12.70 -0.73 1.91
CA TYR A 342 14.14 -0.73 2.06
C TYR A 342 14.52 -1.32 3.40
N ARG A 343 15.74 -1.84 3.44
CA ARG A 343 16.30 -2.39 4.67
C ARG A 343 16.88 -1.25 5.49
N TRP A 344 16.73 -1.34 6.79
CA TRP A 344 17.32 -0.40 7.72
C TRP A 344 17.86 -1.20 8.89
N PRO A 345 18.75 -0.59 9.71
CA PRO A 345 19.37 -1.36 10.82
C PRO A 345 18.43 -1.41 12.02
N ARG A 346 17.43 -2.26 11.91
CA ARG A 346 16.44 -2.41 12.97
C ARG A 346 17.12 -2.87 14.25
N GLN A 347 16.84 -2.18 15.36
CA GLN A 347 17.53 -2.43 16.64
C GLN A 347 16.54 -2.29 17.80
N PHE A 348 16.10 -3.43 18.33
CA PHE A 348 15.07 -3.46 19.37
C PHE A 348 15.68 -3.30 20.75
N GLN A 349 15.11 -2.40 21.54
CA GLN A 349 15.43 -2.24 22.96
C GLN A 349 14.10 -2.17 23.68
N ASN A 350 13.90 -3.07 24.65
CA ASN A 350 12.64 -3.16 25.39
C ASN A 350 11.46 -3.29 24.43
N GLY A 351 11.65 -4.06 23.36
CA GLY A 351 10.59 -4.36 22.43
C GLY A 351 10.27 -3.30 21.41
N ASN A 352 11.12 -2.27 21.26
CA ASN A 352 10.86 -1.20 20.31
C ASN A 352 12.12 -0.85 19.53
N ASP A 353 11.94 -0.57 18.24
CA ASP A 353 13.05 -0.36 17.31
C ASP A 353 13.50 1.09 17.38
N VAL A 354 14.68 1.33 17.94
CA VAL A 354 15.17 2.69 18.07
C VAL A 354 15.64 3.27 16.73
N ASN A 355 15.75 2.48 15.68
CA ASN A 355 16.10 2.97 14.36
C ASN A 355 14.91 3.02 13.41
N ASP A 356 13.69 3.05 13.96
CA ASP A 356 12.49 3.08 13.15
C ASP A 356 12.31 4.37 12.36
N TRP A 357 13.16 5.38 12.60
CA TRP A 357 13.12 6.64 11.88
C TRP A 357 13.98 6.65 10.62
N VAL A 358 14.89 5.67 10.48
CA VAL A 358 15.91 5.76 9.44
C VAL A 358 15.24 5.85 8.09
N GLY A 359 15.73 6.79 7.27
CA GLY A 359 15.22 7.02 5.95
C GLY A 359 15.80 6.06 4.93
N PRO A 360 15.45 6.27 3.66
CA PRO A 360 15.86 5.36 2.59
C PRO A 360 17.37 5.32 2.43
N PRO A 361 17.88 4.27 1.81
CA PRO A 361 19.32 4.18 1.52
C PRO A 361 19.81 5.46 0.86
N ASN A 362 20.93 5.97 1.37
CA ASN A 362 21.38 7.28 0.93
C ASN A 362 22.89 7.44 1.11
N ASN A 363 23.43 8.36 0.32
CA ASN A 363 24.81 8.82 0.47
C ASN A 363 24.72 10.29 0.82
N ASN A 364 25.07 10.63 2.06
CA ASN A 364 25.00 12.02 2.53
C ASN A 364 23.64 12.65 2.27
N GLY A 365 22.58 11.86 2.45
CA GLY A 365 21.23 12.36 2.30
C GLY A 365 20.65 12.24 0.91
N VAL A 366 21.44 11.87 -0.09
CA VAL A 366 20.97 11.70 -1.46
C VAL A 366 20.53 10.26 -1.63
N ILE A 367 19.24 10.05 -1.97
CA ILE A 367 18.71 8.70 -2.06
C ILE A 367 19.48 7.92 -3.12
N LYS A 368 19.83 6.68 -2.79
CA LYS A 368 20.56 5.82 -3.71
C LYS A 368 19.67 5.29 -4.83
N GLU A 369 20.29 5.06 -5.99
CA GLU A 369 19.64 4.38 -7.09
C GLU A 369 19.16 3.00 -6.68
N VAL A 370 18.11 2.53 -7.34
CA VAL A 370 17.77 1.11 -7.28
C VAL A 370 18.61 0.40 -8.34
N THR A 371 19.46 -0.52 -7.90
CA THR A 371 20.22 -1.34 -8.81
C THR A 371 19.56 -2.72 -8.92
N ILE A 372 19.68 -3.31 -10.10
CA ILE A 372 19.06 -4.60 -10.38
C ILE A 372 20.17 -5.62 -10.56
N ASN A 373 20.11 -6.69 -9.78
CA ASN A 373 21.10 -7.74 -9.83
C ASN A 373 20.75 -8.74 -10.93
N PRO A 374 21.74 -9.54 -11.36
CA PRO A 374 21.45 -10.54 -12.40
C PRO A 374 20.31 -11.49 -12.06
N ASP A 375 20.10 -11.83 -10.78
CA ASP A 375 19.02 -12.73 -10.39
C ASP A 375 17.67 -12.03 -10.25
N THR A 376 17.59 -10.74 -10.60
CA THR A 376 16.41 -9.88 -10.62
C THR A 376 16.05 -9.32 -9.24
N THR A 377 16.80 -9.63 -8.19
CA THR A 377 16.67 -8.91 -6.95
C THR A 377 17.30 -7.53 -7.08
N CYS A 378 17.15 -6.71 -6.04
CA CYS A 378 17.69 -5.35 -6.04
C CYS A 378 18.90 -5.26 -5.12
N GLY A 379 19.78 -4.31 -5.43
CA GLY A 379 20.88 -3.95 -4.57
C GLY A 379 20.61 -2.65 -3.83
N ASN A 380 21.68 -2.12 -3.22
CA ASN A 380 21.64 -0.84 -2.53
C ASN A 380 20.62 -0.83 -1.38
N ASP A 381 20.36 -1.98 -0.78
CA ASP A 381 19.51 -2.14 0.38
C ASP A 381 18.03 -1.92 0.10
N TRP A 382 17.64 -1.89 -1.16
CA TRP A 382 16.23 -1.98 -1.50
C TRP A 382 15.80 -3.45 -1.46
N VAL A 383 14.72 -3.73 -0.72
CA VAL A 383 14.27 -5.11 -0.53
C VAL A 383 13.59 -5.64 -1.80
N CYS A 384 12.80 -4.80 -2.46
CA CYS A 384 12.11 -5.20 -3.70
C CYS A 384 11.29 -6.48 -3.52
N GLU A 385 10.43 -6.50 -2.50
CA GLU A 385 9.54 -7.63 -2.31
C GLU A 385 8.73 -7.94 -3.55
N HIS A 386 8.38 -6.90 -4.32
CA HIS A 386 7.55 -7.08 -5.50
C HIS A 386 8.26 -7.84 -6.60
N ARG A 387 9.58 -8.02 -6.50
CA ARG A 387 10.36 -8.84 -7.40
C ARG A 387 10.65 -10.23 -6.83
N TRP A 388 10.27 -10.53 -5.59
CA TRP A 388 10.40 -11.91 -5.13
C TRP A 388 9.50 -12.80 -5.98
N ARG A 389 10.04 -13.92 -6.46
CA ARG A 389 9.27 -14.80 -7.34
C ARG A 389 7.90 -15.12 -6.77
N GLN A 390 7.86 -15.46 -5.48
CA GLN A 390 6.64 -15.92 -4.83
C GLN A 390 5.59 -14.83 -4.74
N ILE A 391 6.01 -13.57 -4.73
CA ILE A 391 5.07 -12.43 -4.71
C ILE A 391 4.71 -11.99 -6.11
N ARG A 392 5.70 -11.75 -6.98
CA ARG A 392 5.40 -11.40 -8.37
C ARG A 392 4.49 -12.43 -9.01
N ASN A 393 4.72 -13.72 -8.76
CA ASN A 393 3.88 -14.72 -9.42
C ASN A 393 2.47 -14.72 -8.87
N MET A 394 2.28 -14.29 -7.62
CA MET A 394 0.94 -14.17 -7.08
C MET A 394 0.24 -12.90 -7.54
N VAL A 395 0.99 -11.83 -7.84
CA VAL A 395 0.41 -10.68 -8.53
C VAL A 395 -0.17 -11.12 -9.88
N ILE A 396 0.56 -11.98 -10.59
CA ILE A 396 0.07 -12.52 -11.85
C ILE A 396 -1.12 -13.45 -11.62
N PHE A 397 -1.05 -14.31 -10.60
CA PHE A 397 -2.19 -15.18 -10.27
C PHE A 397 -3.46 -14.35 -10.15
N ARG A 398 -3.40 -13.23 -9.41
CA ARG A 398 -4.59 -12.43 -9.18
C ARG A 398 -5.15 -11.89 -10.49
N ASN A 399 -4.28 -11.48 -11.41
CA ASN A 399 -4.74 -11.06 -12.75
C ASN A 399 -5.44 -12.22 -13.46
N VAL A 400 -4.82 -13.39 -13.45
CA VAL A 400 -5.35 -14.54 -14.20
C VAL A 400 -6.74 -14.92 -13.72
N VAL A 401 -6.99 -14.86 -12.42
CA VAL A 401 -8.24 -15.35 -11.84
C VAL A 401 -9.27 -14.24 -11.63
N ASP A 402 -8.96 -13.02 -12.09
CA ASP A 402 -9.83 -11.87 -11.86
C ASP A 402 -11.27 -12.19 -12.24
N GLY A 403 -12.19 -11.91 -11.32
CA GLY A 403 -13.60 -12.13 -11.54
C GLY A 403 -14.12 -13.49 -11.16
N GLN A 404 -13.24 -14.46 -10.88
CA GLN A 404 -13.68 -15.81 -10.60
C GLN A 404 -14.08 -15.94 -9.12
N PRO A 405 -15.08 -16.77 -8.82
CA PRO A 405 -15.56 -16.87 -7.43
C PRO A 405 -14.62 -17.68 -6.55
N PHE A 406 -14.66 -17.36 -5.27
CA PHE A 406 -14.06 -18.18 -4.23
C PHE A 406 -14.83 -19.48 -4.13
N THR A 407 -14.14 -20.61 -4.29
CA THR A 407 -14.82 -21.90 -4.33
C THR A 407 -13.84 -22.99 -3.92
N ASN A 408 -14.37 -24.21 -3.74
CA ASN A 408 -13.56 -25.40 -3.45
C ASN A 408 -12.66 -25.22 -2.23
N TRP A 409 -13.19 -24.59 -1.19
CA TRP A 409 -12.45 -24.45 0.06
C TRP A 409 -12.28 -25.81 0.74
N TYR A 410 -11.08 -26.05 1.25
CA TYR A 410 -10.76 -27.20 2.10
C TYR A 410 -10.02 -26.72 3.34
N ASP A 411 -10.27 -27.37 4.47
CA ASP A 411 -9.37 -27.21 5.62
C ASP A 411 -9.35 -28.48 6.45
N ASN A 412 -8.29 -28.62 7.23
CA ASN A 412 -8.11 -29.76 8.13
C ASN A 412 -8.48 -29.43 9.58
N GLY A 413 -9.22 -28.34 9.80
CA GLY A 413 -9.55 -27.91 11.14
C GLY A 413 -8.41 -27.30 11.89
N SER A 414 -7.26 -27.12 11.25
CA SER A 414 -6.10 -26.52 11.90
C SER A 414 -5.52 -25.46 10.97
N ASN A 415 -4.37 -25.71 10.33
CA ASN A 415 -3.72 -24.70 9.50
C ASN A 415 -3.35 -25.21 8.11
N GLN A 416 -4.01 -26.27 7.64
CA GLN A 416 -3.85 -26.73 6.27
C GLN A 416 -5.15 -26.42 5.54
N VAL A 417 -5.06 -25.50 4.57
CA VAL A 417 -6.23 -24.97 3.88
C VAL A 417 -5.93 -24.85 2.40
N ALA A 418 -7.00 -24.78 1.61
CA ALA A 418 -6.87 -24.59 0.17
C ALA A 418 -8.15 -24.00 -0.36
N PHE A 419 -8.04 -23.30 -1.49
CA PHE A 419 -9.23 -22.85 -2.18
C PHE A 419 -8.92 -22.54 -3.63
N GLY A 420 -10.00 -22.46 -4.41
CA GLY A 420 -9.91 -22.12 -5.81
C GLY A 420 -10.58 -20.79 -6.13
N ARG A 421 -10.27 -20.33 -7.34
CA ARG A 421 -10.90 -19.16 -7.93
C ARG A 421 -11.52 -19.66 -9.23
N GLY A 422 -12.81 -19.99 -9.16
CA GLY A 422 -13.50 -20.58 -10.29
C GLY A 422 -12.72 -21.74 -10.89
N ASN A 423 -12.60 -21.74 -12.22
CA ASN A 423 -11.84 -22.74 -12.93
C ASN A 423 -10.49 -22.22 -13.40
N ARG A 424 -9.98 -21.15 -12.78
CA ARG A 424 -8.77 -20.50 -13.25
C ARG A 424 -7.57 -20.57 -12.31
N GLY A 425 -7.75 -20.86 -11.03
CA GLY A 425 -6.61 -20.98 -10.14
C GLY A 425 -6.95 -21.73 -8.89
N PHE A 426 -5.90 -22.22 -8.23
CA PHE A 426 -6.05 -23.00 -7.00
C PHE A 426 -4.80 -22.82 -6.16
N ILE A 427 -4.97 -22.73 -4.84
CA ILE A 427 -3.86 -22.44 -3.94
C ILE A 427 -4.01 -23.28 -2.67
N VAL A 428 -2.89 -23.75 -2.14
CA VAL A 428 -2.85 -24.71 -1.04
C VAL A 428 -1.80 -24.23 -0.05
N PHE A 429 -2.16 -24.19 1.25
CA PHE A 429 -1.30 -23.68 2.30
C PHE A 429 -1.12 -24.71 3.40
N ASN A 430 0.11 -24.82 3.91
CA ASN A 430 0.38 -25.64 5.10
C ASN A 430 1.09 -24.77 6.14
N ASN A 431 0.35 -24.29 7.14
CA ASN A 431 0.96 -23.61 8.26
C ASN A 431 0.86 -24.41 9.55
N ASP A 432 0.74 -25.73 9.46
CA ASP A 432 0.82 -26.60 10.63
C ASP A 432 2.24 -27.11 10.79
N ASP A 433 2.50 -27.68 11.97
CA ASP A 433 3.81 -28.24 12.30
C ASP A 433 3.95 -29.70 11.84
N TRP A 434 3.24 -30.09 10.80
CA TRP A 434 3.37 -31.41 10.20
C TRP A 434 3.07 -31.28 8.71
N SER A 435 3.34 -32.34 7.97
CA SER A 435 3.21 -32.31 6.52
C SER A 435 1.75 -32.36 6.08
N PHE A 436 1.50 -31.80 4.90
CA PHE A 436 0.19 -31.83 4.27
C PHE A 436 0.31 -32.60 2.96
N SER A 437 -0.26 -33.80 2.91
CA SER A 437 -0.25 -34.65 1.72
C SER A 437 -1.66 -35.15 1.49
N LEU A 438 -2.32 -34.67 0.44
CA LEU A 438 -3.73 -34.99 0.26
C LEU A 438 -4.14 -34.69 -1.17
N THR A 439 -5.10 -35.47 -1.67
CA THR A 439 -5.73 -35.20 -2.96
C THR A 439 -6.92 -34.27 -2.75
N LEU A 440 -6.96 -33.18 -3.51
CA LEU A 440 -7.95 -32.14 -3.35
C LEU A 440 -8.65 -31.86 -4.67
N GLN A 441 -9.92 -31.48 -4.58
CA GLN A 441 -10.64 -30.98 -5.75
C GLN A 441 -10.18 -29.55 -6.06
N THR A 442 -9.66 -29.35 -7.28
CA THR A 442 -9.08 -28.05 -7.66
C THR A 442 -9.99 -27.17 -8.47
N GLY A 443 -11.03 -27.72 -9.09
CA GLY A 443 -11.86 -26.97 -10.01
C GLY A 443 -11.25 -26.68 -11.36
N LEU A 444 -10.02 -27.14 -11.62
CA LEU A 444 -9.31 -26.79 -12.85
C LEU A 444 -9.45 -27.88 -13.89
N PRO A 445 -9.31 -27.52 -15.17
CA PRO A 445 -9.24 -28.54 -16.23
C PRO A 445 -8.04 -29.46 -16.04
N ALA A 446 -8.20 -30.71 -16.49
CA ALA A 446 -7.12 -31.68 -16.38
C ALA A 446 -5.86 -31.18 -17.09
N GLY A 447 -4.71 -31.56 -16.55
CA GLY A 447 -3.45 -31.25 -17.18
C GLY A 447 -2.34 -31.16 -16.15
N THR A 448 -1.17 -30.73 -16.64
CA THR A 448 0.01 -30.52 -15.80
C THR A 448 0.20 -29.03 -15.59
N TYR A 449 0.32 -28.61 -14.33
CA TYR A 449 0.45 -27.21 -13.98
C TYR A 449 1.74 -26.97 -13.21
N CYS A 450 2.43 -25.88 -13.54
CA CYS A 450 3.58 -25.46 -12.75
C CYS A 450 3.13 -24.74 -11.49
N ASP A 451 3.68 -25.14 -10.36
CA ASP A 451 3.59 -24.35 -9.14
C ASP A 451 4.36 -23.06 -9.32
N VAL A 452 3.70 -21.92 -9.19
CA VAL A 452 4.35 -20.64 -9.39
C VAL A 452 4.97 -20.07 -8.12
N ILE A 453 4.92 -20.82 -7.02
CA ILE A 453 5.63 -20.42 -5.81
C ILE A 453 7.05 -20.95 -5.79
N SER A 454 7.21 -22.26 -6.00
CA SER A 454 8.54 -22.88 -6.07
C SER A 454 9.24 -22.65 -7.39
N GLY A 455 8.54 -22.20 -8.43
CA GLY A 455 9.16 -22.08 -9.72
C GLY A 455 8.33 -21.27 -10.69
N ASP A 456 8.56 -21.52 -11.97
CA ASP A 456 7.94 -20.77 -13.05
C ASP A 456 7.69 -21.72 -14.21
N LYS A 457 6.74 -21.33 -15.06
CA LYS A 457 6.61 -21.94 -16.38
C LYS A 457 7.54 -21.19 -17.33
N ILE A 458 8.50 -21.91 -17.91
CA ILE A 458 9.50 -21.33 -18.78
C ILE A 458 9.72 -22.30 -19.93
N ASN A 459 9.49 -21.86 -21.15
CA ASN A 459 9.77 -22.63 -22.36
C ASN A 459 9.11 -24.02 -22.33
N GLY A 460 7.81 -24.03 -22.02
CA GLY A 460 7.05 -25.27 -22.03
C GLY A 460 7.41 -26.27 -20.95
N ASN A 461 8.09 -25.82 -19.88
CA ASN A 461 8.46 -26.68 -18.77
C ASN A 461 8.28 -25.90 -17.47
N CYS A 462 8.29 -26.63 -16.35
CA CYS A 462 8.22 -26.03 -15.02
C CYS A 462 9.60 -26.12 -14.38
N THR A 463 10.00 -25.06 -13.67
CA THR A 463 11.28 -25.08 -12.97
C THR A 463 11.17 -25.56 -11.53
N GLY A 464 9.96 -25.67 -10.99
CA GLY A 464 9.76 -26.17 -9.64
C GLY A 464 8.77 -27.32 -9.62
N ILE A 465 7.93 -27.33 -8.59
CA ILE A 465 6.95 -28.40 -8.42
C ILE A 465 5.99 -28.40 -9.60
N LYS A 466 5.59 -29.61 -10.01
CA LYS A 466 4.55 -29.82 -10.99
C LYS A 466 3.36 -30.50 -10.32
N ILE A 467 2.14 -30.05 -10.67
CA ILE A 467 0.90 -30.61 -10.15
C ILE A 467 0.10 -31.21 -11.30
N TYR A 468 -0.44 -32.41 -11.09
CA TYR A 468 -1.14 -33.15 -12.13
C TYR A 468 -2.62 -33.22 -11.77
N VAL A 469 -3.46 -32.56 -12.56
CA VAL A 469 -4.91 -32.53 -12.32
C VAL A 469 -5.57 -33.57 -13.20
N SER A 470 -6.43 -34.40 -12.61
CA SER A 470 -7.10 -35.48 -13.32
C SER A 470 -8.40 -34.99 -13.97
N ASP A 471 -9.06 -35.91 -14.69
CA ASP A 471 -10.30 -35.60 -15.39
C ASP A 471 -11.40 -35.14 -14.44
N ASP A 472 -11.33 -35.56 -13.18
CA ASP A 472 -12.31 -35.20 -12.17
C ASP A 472 -12.00 -33.87 -11.47
N GLY A 473 -10.95 -33.17 -11.87
CA GLY A 473 -10.53 -31.95 -11.22
C GLY A 473 -9.66 -32.14 -9.99
N LYS A 474 -9.37 -33.37 -9.61
CA LYS A 474 -8.59 -33.62 -8.41
C LYS A 474 -7.10 -33.66 -8.71
N ALA A 475 -6.31 -33.27 -7.72
CA ALA A 475 -4.86 -33.32 -7.82
C ALA A 475 -4.27 -33.58 -6.44
N HIS A 476 -3.14 -34.27 -6.42
CA HIS A 476 -2.43 -34.53 -5.18
C HIS A 476 -1.47 -33.39 -4.87
N PHE A 477 -1.48 -32.93 -3.63
CA PHE A 477 -0.56 -31.92 -3.14
C PHE A 477 0.22 -32.47 -1.96
N SER A 478 1.51 -32.17 -1.92
CA SER A 478 2.36 -32.57 -0.79
C SER A 478 3.24 -31.40 -0.40
N ILE A 479 3.09 -30.92 0.84
CA ILE A 479 3.82 -29.77 1.33
C ILE A 479 4.34 -30.10 2.72
N SER A 480 5.65 -30.24 2.86
CA SER A 480 6.25 -30.41 4.18
C SER A 480 6.21 -29.11 4.97
N ASN A 481 6.04 -29.23 6.29
CA ASN A 481 6.14 -28.05 7.14
C ASN A 481 7.55 -27.46 7.13
N SER A 482 8.54 -28.14 6.58
CA SER A 482 9.89 -27.59 6.49
C SER A 482 10.20 -27.04 5.10
N ALA A 483 9.22 -27.00 4.21
CA ALA A 483 9.44 -26.48 2.87
C ALA A 483 9.86 -25.01 2.93
N GLU A 484 10.71 -24.61 1.97
CA GLU A 484 11.12 -23.21 1.87
C GLU A 484 9.90 -22.29 1.87
N ASP A 485 8.93 -22.58 1.02
CA ASP A 485 7.64 -21.89 1.00
C ASP A 485 6.55 -22.94 1.17
N PRO A 486 5.83 -22.97 2.29
CA PRO A 486 4.84 -24.03 2.52
C PRO A 486 3.49 -23.75 1.90
N PHE A 487 3.50 -23.30 0.64
CA PHE A 487 2.27 -23.12 -0.11
C PHE A 487 2.56 -23.30 -1.58
N ILE A 488 1.53 -23.76 -2.32
CA ILE A 488 1.60 -24.07 -3.74
C ILE A 488 0.45 -23.34 -4.42
N ALA A 489 0.70 -22.78 -5.61
CA ALA A 489 -0.31 -22.05 -6.36
C ALA A 489 -0.17 -22.40 -7.84
N ILE A 490 -1.29 -22.71 -8.48
CA ILE A 490 -1.35 -23.06 -9.89
C ILE A 490 -2.51 -22.32 -10.53
N HIS A 491 -2.39 -22.02 -11.82
CA HIS A 491 -3.44 -21.26 -12.48
C HIS A 491 -3.42 -21.57 -13.98
N ALA A 492 -4.43 -21.04 -14.67
CA ALA A 492 -4.63 -21.35 -16.08
C ALA A 492 -3.41 -21.02 -16.94
N GLU A 493 -2.65 -19.98 -16.60
CA GLU A 493 -1.50 -19.61 -17.40
C GLU A 493 -0.21 -20.27 -16.94
N SER A 494 -0.26 -21.14 -15.93
CA SER A 494 0.88 -21.97 -15.56
C SER A 494 0.69 -23.42 -16.03
N LYS A 495 -0.38 -23.68 -16.77
CA LYS A 495 -0.62 -24.99 -17.35
C LYS A 495 0.28 -25.22 -18.54
N LEU A 496 0.86 -26.42 -18.63
CA LEU A 496 1.71 -26.78 -19.76
C LEU A 496 0.87 -27.16 -20.97
#